data_9II5
#
_entry.id   9II5
#
_cell.length_a   65.340
_cell.length_b   65.340
_cell.length_c   71.510
_cell.angle_alpha   90.000
_cell.angle_beta   90.000
_cell.angle_gamma   120.000
#
_symmetry.space_group_name_H-M   'P 62'
#
loop_
_entity.id
_entity.type
_entity.pdbx_description
1 polymer 'E3 ubiquitin-protein ligase TRIM21'
2 non-polymer ~{N}-[(1-fluoranylcyclohexyl)methyl]-~{N}-methyl-4-(2-methylsulfanylphenyl)-2-methylsulfonyl-benzamide
3 water water
#
_entity_poly.entity_id   1
_entity_poly.type   'polypeptide(L)'
_entity_poly.pdbx_seq_one_letter_code
;VHITLDPDTANPWLILSEDRRQVRLGDTQQSIPGNEERFDSYPMVLGAQHFHSGKHYWEVDVTGKEAWDLGVCRDSVRRK
GHFLLSSKSGFWTIWLWNKQKYEAGTYPQTPLHLQVPPCQVGIFLDYEAGMVSFYNITDHGSLIYSFSECAFTGPLRPFF
SPGFNDGGKNTAPLTALC
;
_entity_poly.pdbx_strand_id   A
#
# COMPACT_ATOMS: atom_id res chain seq x y z
N VAL A 1 0.88 -14.86 8.43
CA VAL A 1 1.63 -13.85 9.17
C VAL A 1 2.70 -13.18 8.28
N HIS A 2 3.23 -13.92 7.31
CA HIS A 2 4.35 -13.47 6.50
C HIS A 2 3.79 -12.98 5.16
N ILE A 3 3.64 -11.66 5.03
CA ILE A 3 3.04 -11.09 3.83
C ILE A 3 3.94 -11.35 2.63
N THR A 4 3.33 -11.73 1.51
CA THR A 4 4.05 -11.83 0.25
C THR A 4 3.25 -11.11 -0.82
N LEU A 5 3.96 -10.47 -1.74
CA LEU A 5 3.32 -9.75 -2.82
C LEU A 5 2.82 -10.74 -3.85
N ASP A 6 1.66 -10.44 -4.44
CA ASP A 6 0.96 -11.37 -5.32
C ASP A 6 1.26 -10.98 -6.76
N PRO A 7 2.10 -11.74 -7.48
CA PRO A 7 2.47 -11.33 -8.85
C PRO A 7 1.30 -11.23 -9.79
N ASP A 8 0.24 -12.01 -9.55
CA ASP A 8 -0.92 -11.96 -10.42
C ASP A 8 -1.63 -10.61 -10.35
N THR A 9 -1.45 -9.88 -9.25
CA THR A 9 -2.08 -8.58 -9.11
C THR A 9 -1.21 -7.43 -9.60
N ALA A 10 0.08 -7.65 -9.84
CA ALA A 10 1.04 -6.57 -10.00
C ALA A 10 0.99 -5.95 -11.39
N ASN A 11 0.84 -4.64 -11.44
CA ASN A 11 0.92 -3.89 -12.67
C ASN A 11 2.23 -4.22 -13.41
N PRO A 12 2.23 -4.29 -14.74
CA PRO A 12 3.45 -4.67 -15.48
C PRO A 12 4.63 -3.70 -15.34
N TRP A 13 4.42 -2.48 -14.85
CA TRP A 13 5.53 -1.58 -14.56
C TRP A 13 6.26 -1.92 -13.27
N LEU A 14 5.83 -2.94 -12.54
CA LEU A 14 6.44 -3.31 -11.27
C LEU A 14 7.36 -4.50 -11.44
N ILE A 15 8.47 -4.48 -10.69
CA ILE A 15 9.39 -5.60 -10.57
C ILE A 15 9.28 -6.13 -9.15
N LEU A 16 8.89 -7.38 -9.01
CA LEU A 16 8.82 -8.05 -7.71
C LEU A 16 10.05 -8.92 -7.50
N SER A 17 10.56 -8.94 -6.27
CA SER A 17 11.69 -9.81 -5.98
C SER A 17 11.23 -11.28 -5.97
N GLU A 18 12.20 -12.18 -6.11
CA GLU A 18 11.87 -13.60 -6.15
C GLU A 18 11.16 -14.05 -4.88
N ASP A 19 11.61 -13.54 -3.73
CA ASP A 19 10.97 -13.93 -2.47
C ASP A 19 9.67 -13.17 -2.22
N ARG A 20 9.28 -12.30 -3.16
CA ARG A 20 7.99 -11.60 -3.12
C ARG A 20 7.86 -10.69 -1.90
N ARG A 21 9.00 -10.17 -1.43
CA ARG A 21 9.02 -9.23 -0.31
C ARG A 21 9.42 -7.83 -0.70
N GLN A 22 9.78 -7.60 -1.97
CA GLN A 22 10.19 -6.28 -2.44
C GLN A 22 9.49 -6.00 -3.76
N VAL A 23 9.08 -4.75 -3.95
CA VAL A 23 8.52 -4.31 -5.21
C VAL A 23 9.09 -2.93 -5.53
N ARG A 24 9.35 -2.68 -6.82
CA ARG A 24 9.89 -1.40 -7.26
C ARG A 24 9.37 -1.11 -8.66
N LEU A 25 9.51 0.15 -9.06
CA LEU A 25 9.18 0.58 -10.42
C LEU A 25 10.28 0.14 -11.37
N GLY A 26 9.89 -0.52 -12.47
CA GLY A 26 10.81 -0.87 -13.53
C GLY A 26 10.87 0.22 -14.59
N ASP A 27 11.75 0.00 -15.56
CA ASP A 27 11.96 0.99 -16.61
C ASP A 27 11.12 0.73 -17.85
N THR A 28 10.56 -0.48 -17.99
CA THR A 28 9.78 -0.83 -19.17
C THR A 28 8.61 -1.69 -18.75
N GLN A 29 7.41 -1.34 -19.22
CA GLN A 29 6.24 -2.19 -19.05
C GLN A 29 6.59 -3.61 -19.49
N GLN A 30 6.76 -4.51 -18.52
CA GLN A 30 7.13 -5.88 -18.82
C GLN A 30 6.03 -6.59 -19.59
N SER A 31 6.39 -7.72 -20.21
CA SER A 31 5.45 -8.49 -21.02
C SER A 31 4.99 -9.74 -20.29
N ILE A 32 4.31 -9.52 -19.17
CA ILE A 32 3.81 -10.61 -18.34
C ILE A 32 2.44 -11.03 -18.83
N PRO A 33 1.99 -12.24 -18.52
CA PRO A 33 0.68 -12.69 -19.01
C PRO A 33 -0.45 -11.90 -18.37
N GLY A 34 -1.60 -11.93 -19.04
CA GLY A 34 -2.77 -11.25 -18.53
C GLY A 34 -3.59 -12.12 -17.60
N ASN A 35 -4.38 -11.45 -16.76
CA ASN A 35 -5.29 -12.13 -15.85
C ASN A 35 -6.13 -11.08 -15.11
N GLU A 36 -7.34 -11.48 -14.70
CA GLU A 36 -8.34 -10.50 -14.29
C GLU A 36 -7.91 -9.73 -13.05
N GLU A 37 -6.98 -10.26 -12.26
CA GLU A 37 -6.63 -9.68 -10.97
C GLU A 37 -5.68 -8.50 -11.07
N ARG A 38 -5.06 -8.27 -12.22
CA ARG A 38 -3.95 -7.33 -12.33
C ARG A 38 -4.42 -5.87 -12.43
N PHE A 39 -3.79 -4.98 -11.65
CA PHE A 39 -4.01 -3.54 -11.80
C PHE A 39 -3.37 -3.06 -13.11
N ASP A 40 -4.17 -2.62 -14.06
CA ASP A 40 -3.68 -2.34 -15.41
C ASP A 40 -3.36 -0.85 -15.64
N SER A 41 -3.76 0.05 -14.75
CA SER A 41 -3.59 1.47 -15.00
C SER A 41 -2.78 2.21 -13.94
N TYR A 42 -2.33 1.53 -12.89
CA TYR A 42 -1.57 2.17 -11.83
C TYR A 42 -0.52 1.18 -11.37
N PRO A 43 0.62 1.66 -10.84
CA PRO A 43 1.64 0.75 -10.27
C PRO A 43 1.28 0.28 -8.86
N MET A 44 0.38 -0.71 -8.84
CA MET A 44 -0.26 -1.20 -7.63
C MET A 44 -0.09 -2.71 -7.56
N VAL A 45 -0.01 -3.24 -6.34
CA VAL A 45 0.10 -4.68 -6.12
C VAL A 45 -0.53 -4.99 -4.77
N LEU A 46 -1.10 -6.19 -4.65
CA LEU A 46 -1.69 -6.66 -3.39
C LEU A 46 -0.80 -7.70 -2.75
N GLY A 47 -0.90 -7.80 -1.43
CA GLY A 47 -0.41 -8.99 -0.77
C GLY A 47 -1.28 -10.20 -1.09
N ALA A 48 -0.66 -11.38 -1.10
CA ALA A 48 -1.38 -12.59 -1.45
C ALA A 48 -2.42 -12.96 -0.40
N GLN A 49 -2.19 -12.56 0.85
CA GLN A 49 -3.05 -12.95 1.95
C GLN A 49 -4.41 -12.26 1.89
N HIS A 50 -5.44 -12.99 2.32
CA HIS A 50 -6.81 -12.49 2.46
C HIS A 50 -7.20 -12.58 3.93
N PHE A 51 -7.64 -11.48 4.52
CA PHE A 51 -8.00 -11.46 5.94
C PHE A 51 -9.52 -11.40 6.07
N HIS A 52 -10.06 -12.32 6.89
CA HIS A 52 -11.49 -12.35 7.21
C HIS A 52 -11.75 -12.00 8.66
N SER A 53 -10.73 -11.98 9.50
CA SER A 53 -10.87 -11.67 10.91
C SER A 53 -9.46 -11.51 11.49
N GLY A 54 -9.41 -11.22 12.79
CA GLY A 54 -8.16 -11.16 13.51
C GLY A 54 -7.46 -9.82 13.38
N LYS A 55 -6.43 -9.67 14.21
CA LYS A 55 -5.48 -8.57 14.12
C LYS A 55 -4.34 -9.03 13.23
N HIS A 56 -3.81 -8.12 12.42
CA HIS A 56 -2.71 -8.47 11.53
C HIS A 56 -1.84 -7.24 11.38
N TYR A 57 -0.55 -7.48 11.18
CA TYR A 57 0.44 -6.41 11.17
C TYR A 57 1.54 -6.73 10.17
N TRP A 58 2.01 -5.70 9.48
CA TRP A 58 3.20 -5.81 8.65
C TRP A 58 3.88 -4.45 8.61
N GLU A 59 5.07 -4.43 8.05
CA GLU A 59 5.96 -3.29 8.13
C GLU A 59 6.71 -3.14 6.82
N VAL A 60 6.84 -1.90 6.34
CA VAL A 60 7.38 -1.63 5.01
C VAL A 60 8.46 -0.57 5.10
N ASP A 61 9.62 -0.85 4.51
CA ASP A 61 10.67 0.14 4.39
C ASP A 61 10.40 0.99 3.15
N VAL A 62 10.46 2.32 3.33
CA VAL A 62 10.22 3.30 2.27
C VAL A 62 11.42 4.22 2.09
N THR A 63 12.59 3.84 2.61
CA THR A 63 13.75 4.75 2.62
C THR A 63 14.11 5.19 1.22
N GLY A 64 14.35 6.49 1.06
CA GLY A 64 14.82 7.02 -0.20
C GLY A 64 13.76 7.20 -1.26
N LYS A 65 12.49 7.01 -0.94
CA LYS A 65 11.41 7.14 -1.90
C LYS A 65 10.73 8.49 -1.78
N GLU A 66 10.43 9.09 -2.93
CA GLU A 66 9.73 10.36 -2.99
C GLU A 66 8.22 10.20 -3.00
N ALA A 67 7.71 9.00 -3.22
CA ALA A 67 6.26 8.77 -3.30
C ALA A 67 5.97 7.29 -3.07
N TRP A 68 4.84 7.01 -2.43
CA TRP A 68 4.36 5.66 -2.19
C TRP A 68 2.96 5.75 -1.60
N ASP A 69 2.25 4.64 -1.67
CA ASP A 69 0.96 4.49 -1.00
C ASP A 69 0.91 3.13 -0.31
N LEU A 70 0.45 3.11 0.94
CA LEU A 70 0.33 1.87 1.70
C LEU A 70 -1.00 1.77 2.42
N GLY A 71 -1.58 0.58 2.44
CA GLY A 71 -2.70 0.35 3.33
C GLY A 71 -3.37 -0.99 3.14
N VAL A 72 -4.69 -1.01 3.17
CA VAL A 72 -5.49 -2.23 3.08
C VAL A 72 -6.64 -1.90 2.14
N CYS A 73 -7.14 -2.93 1.44
CA CYS A 73 -8.26 -2.72 0.52
C CYS A 73 -9.17 -3.93 0.52
N ARG A 74 -10.40 -3.72 0.07
CA ARG A 74 -11.30 -4.85 -0.12
C ARG A 74 -10.79 -5.76 -1.23
N ASP A 75 -10.99 -7.06 -1.04
CA ASP A 75 -10.67 -8.00 -2.12
C ASP A 75 -11.42 -7.67 -3.40
N SER A 76 -12.60 -7.10 -3.27
CA SER A 76 -13.47 -6.84 -4.41
C SER A 76 -13.13 -5.57 -5.19
N VAL A 77 -12.08 -4.83 -4.80
CA VAL A 77 -11.83 -3.55 -5.48
C VAL A 77 -11.59 -3.82 -6.97
N ARG A 78 -12.05 -2.88 -7.79
CA ARG A 78 -11.79 -2.98 -9.22
C ARG A 78 -10.29 -2.94 -9.50
N ARG A 79 -9.88 -3.67 -10.53
CA ARG A 79 -8.50 -3.78 -10.94
C ARG A 79 -8.20 -3.06 -12.25
N LYS A 80 -9.15 -2.99 -13.16
CA LYS A 80 -8.90 -2.40 -14.47
C LYS A 80 -9.37 -0.96 -14.49
N GLY A 81 -8.63 -0.10 -15.17
CA GLY A 81 -9.06 1.27 -15.39
C GLY A 81 -8.66 2.18 -14.27
N HIS A 82 -9.32 3.34 -14.24
CA HIS A 82 -9.00 4.41 -13.30
C HIS A 82 -10.07 4.51 -12.23
N PHE A 83 -9.63 4.94 -11.04
CA PHE A 83 -10.50 5.02 -9.86
C PHE A 83 -9.77 5.85 -8.82
N LEU A 84 -10.52 6.33 -7.83
CA LEU A 84 -9.94 7.05 -6.70
C LEU A 84 -9.85 6.11 -5.51
N LEU A 85 -8.85 6.34 -4.66
CA LEU A 85 -8.58 5.48 -3.49
C LEU A 85 -9.36 5.98 -2.27
N SER A 86 -10.67 5.82 -2.34
CA SER A 86 -11.53 6.27 -1.26
C SER A 86 -12.01 5.09 -0.44
N SER A 87 -12.37 5.38 0.82
CA SER A 87 -12.95 4.33 1.64
C SER A 87 -14.22 3.81 1.01
N LYS A 88 -14.97 4.67 0.34
CA LYS A 88 -16.15 4.12 -0.31
C LYS A 88 -15.78 3.12 -1.40
N SER A 89 -14.75 3.40 -2.19
CA SER A 89 -14.30 2.45 -3.21
C SER A 89 -13.54 1.26 -2.64
N GLY A 90 -13.41 1.16 -1.32
CA GLY A 90 -12.80 0.03 -0.67
C GLY A 90 -11.33 0.16 -0.32
N PHE A 91 -10.83 1.37 -0.11
CA PHE A 91 -9.42 1.58 0.19
C PHE A 91 -9.26 2.34 1.51
N TRP A 92 -8.32 1.88 2.33
CA TRP A 92 -7.93 2.57 3.56
C TRP A 92 -6.41 2.71 3.49
N THR A 93 -5.95 3.91 3.08
CA THR A 93 -4.53 4.07 2.77
C THR A 93 -4.04 5.44 3.22
N ILE A 94 -2.71 5.52 3.38
CA ILE A 94 -1.97 6.77 3.49
C ILE A 94 -0.93 6.79 2.38
N TRP A 95 -0.45 8.00 2.05
CA TRP A 95 0.54 8.12 0.99
C TRP A 95 1.47 9.30 1.22
N LEU A 96 2.60 9.27 0.50
CA LEU A 96 3.56 10.35 0.37
C LEU A 96 3.59 10.73 -1.11
N TRP A 97 3.52 12.03 -1.42
CA TRP A 97 3.67 12.30 -2.85
C TRP A 97 4.53 13.48 -3.28
N ASN A 98 4.06 14.69 -3.04
CA ASN A 98 4.59 15.77 -3.87
C ASN A 98 5.87 16.33 -3.26
N LYS A 99 5.82 17.54 -2.70
CA LYS A 99 6.95 18.12 -1.98
C LYS A 99 6.95 17.61 -0.53
N GLN A 100 7.20 16.30 -0.38
CA GLN A 100 7.26 15.70 0.94
C GLN A 100 5.93 15.86 1.69
N LYS A 101 4.84 15.59 0.99
CA LYS A 101 3.49 15.78 1.52
C LYS A 101 2.87 14.42 1.83
N TYR A 102 2.58 14.19 3.11
CA TYR A 102 1.93 12.97 3.55
C TYR A 102 0.44 13.23 3.73
N GLU A 103 -0.39 12.27 3.31
CA GLU A 103 -1.84 12.42 3.37
C GLU A 103 -2.49 11.10 3.77
N ALA A 104 -3.63 11.20 4.45
CA ALA A 104 -4.53 10.06 4.68
C ALA A 104 -5.68 10.14 3.68
N GLY A 105 -6.10 8.98 3.17
CA GLY A 105 -7.14 8.90 2.16
C GLY A 105 -8.58 9.04 2.65
N THR A 106 -8.86 10.16 3.30
CA THR A 106 -10.23 10.59 3.62
C THR A 106 -10.74 11.51 2.53
N TYR A 107 -12.05 11.74 2.51
CA TYR A 107 -12.60 12.81 1.68
C TYR A 107 -13.12 13.94 2.55
N PRO A 108 -12.61 15.18 2.42
CA PRO A 108 -11.43 15.53 1.63
C PRO A 108 -10.20 14.91 2.28
N GLN A 109 -9.10 14.85 1.55
CA GLN A 109 -7.92 14.20 2.10
C GLN A 109 -7.42 14.95 3.35
N THR A 110 -6.77 14.20 4.24
CA THR A 110 -6.30 14.73 5.52
C THR A 110 -4.80 14.86 5.45
N PRO A 111 -4.25 16.08 5.43
CA PRO A 111 -2.80 16.24 5.53
C PRO A 111 -2.28 15.69 6.84
N LEU A 112 -1.13 15.02 6.76
CA LEU A 112 -0.47 14.42 7.91
C LEU A 112 0.82 15.18 8.11
N HIS A 113 1.07 15.61 9.34
CA HIS A 113 2.21 16.47 9.64
C HIS A 113 3.22 15.63 10.42
N LEU A 114 4.22 15.12 9.71
CA LEU A 114 5.17 14.17 10.26
C LEU A 114 6.51 14.90 10.44
N GLN A 115 6.78 15.31 11.68
CA GLN A 115 8.02 15.97 12.00
C GLN A 115 9.22 15.09 11.66
N VAL A 116 9.07 13.78 11.80
CA VAL A 116 10.12 12.81 11.49
C VAL A 116 9.66 12.01 10.28
N PRO A 117 10.18 12.24 9.08
CA PRO A 117 9.73 11.47 7.91
C PRO A 117 10.03 9.99 8.10
N PRO A 118 9.04 9.12 7.94
CA PRO A 118 9.27 7.70 8.26
C PRO A 118 10.18 7.04 7.23
N CYS A 119 11.13 6.26 7.74
CA CYS A 119 11.86 5.33 6.88
C CYS A 119 11.17 3.98 6.80
N GLN A 120 10.40 3.61 7.83
CA GLN A 120 9.58 2.41 7.80
C GLN A 120 8.22 2.76 8.38
N VAL A 121 7.19 2.12 7.83
CA VAL A 121 5.80 2.34 8.23
C VAL A 121 5.23 1.01 8.69
N GLY A 122 4.62 0.99 9.87
CA GLY A 122 3.85 -0.18 10.32
C GLY A 122 2.37 -0.05 9.98
N ILE A 123 1.80 -1.13 9.46
CA ILE A 123 0.37 -1.19 9.12
C ILE A 123 -0.26 -2.27 9.99
N PHE A 124 -1.24 -1.86 10.81
CA PHE A 124 -1.92 -2.73 11.77
C PHE A 124 -3.41 -2.76 11.45
N LEU A 125 -3.92 -3.96 11.16
CA LEU A 125 -5.32 -4.19 10.86
C LEU A 125 -5.95 -4.94 12.04
N ASP A 126 -7.11 -4.47 12.49
CA ASP A 126 -7.94 -5.21 13.44
C ASP A 126 -9.31 -5.38 12.78
N TYR A 127 -9.57 -6.57 12.24
CA TYR A 127 -10.80 -6.79 11.47
C TYR A 127 -12.04 -6.55 12.31
N GLU A 128 -12.14 -7.22 13.46
CA GLU A 128 -13.36 -7.15 14.24
C GLU A 128 -13.62 -5.75 14.78
N ALA A 129 -12.56 -5.00 15.07
CA ALA A 129 -12.72 -3.63 15.57
C ALA A 129 -13.00 -2.62 14.47
N GLY A 130 -12.80 -2.98 13.21
CA GLY A 130 -12.98 -2.03 12.12
C GLY A 130 -11.93 -0.94 12.09
N MET A 131 -10.65 -1.31 12.26
CA MET A 131 -9.59 -0.36 12.49
C MET A 131 -8.40 -0.71 11.61
N VAL A 132 -7.80 0.33 11.01
CA VAL A 132 -6.51 0.25 10.32
C VAL A 132 -5.68 1.42 10.83
N SER A 133 -4.50 1.11 11.41
CA SER A 133 -3.62 2.12 11.97
C SER A 133 -2.25 2.05 11.31
N PHE A 134 -1.61 3.20 11.25
CA PHE A 134 -0.31 3.38 10.60
C PHE A 134 0.63 3.95 11.63
N TYR A 135 1.81 3.33 11.76
CA TYR A 135 2.81 3.73 12.75
C TYR A 135 4.11 4.20 12.11
N ASN A 136 4.69 5.25 12.69
CA ASN A 136 5.96 5.80 12.23
C ASN A 136 7.07 5.08 12.98
N ILE A 137 7.64 4.05 12.34
CA ILE A 137 8.66 3.21 12.99
C ILE A 137 9.87 4.05 13.39
N THR A 138 10.23 5.02 12.55
CA THR A 138 11.41 5.86 12.77
C THR A 138 11.23 6.78 13.97
N ASP A 139 10.01 7.26 14.19
CA ASP A 139 9.66 8.09 15.34
C ASP A 139 9.17 7.27 16.52
N HIS A 140 9.81 6.13 16.77
CA HIS A 140 9.54 5.31 17.95
C HIS A 140 8.11 4.78 18.00
N GLY A 141 7.51 4.52 16.85
CA GLY A 141 6.20 3.89 16.82
C GLY A 141 5.03 4.83 17.04
N SER A 142 5.23 6.12 16.82
CA SER A 142 4.15 7.09 16.99
C SER A 142 3.06 6.85 15.96
N LEU A 143 1.81 7.09 16.37
CA LEU A 143 0.67 6.87 15.49
C LEU A 143 0.62 7.98 14.43
N ILE A 144 0.68 7.57 13.16
CA ILE A 144 0.50 8.49 12.04
C ILE A 144 -0.98 8.78 11.82
N TYR A 145 -1.79 7.73 11.72
CA TYR A 145 -3.21 7.86 11.44
C TYR A 145 -3.91 6.54 11.71
N SER A 146 -5.18 6.63 12.11
CA SER A 146 -6.03 5.45 12.28
C SER A 146 -7.37 5.70 11.61
N PHE A 147 -7.80 4.75 10.77
CA PHE A 147 -9.17 4.68 10.27
C PHE A 147 -9.96 3.81 11.23
N SER A 148 -11.10 4.32 11.69
CA SER A 148 -11.94 3.59 12.62
C SER A 148 -13.35 3.46 12.07
N GLU A 149 -14.12 2.55 12.66
CA GLU A 149 -15.48 2.24 12.22
C GLU A 149 -15.53 1.90 10.74
N CYS A 150 -14.59 1.06 10.30
CA CYS A 150 -14.53 0.68 8.89
C CYS A 150 -15.62 -0.31 8.50
N ALA A 151 -16.19 -1.02 9.46
CA ALA A 151 -17.35 -1.88 9.24
C ALA A 151 -17.10 -2.88 8.11
N PHE A 152 -15.96 -3.57 8.17
CA PHE A 152 -15.64 -4.56 7.16
C PHE A 152 -16.72 -5.64 7.14
N THR A 153 -17.01 -6.12 5.93
CA THR A 153 -17.89 -7.27 5.74
C THR A 153 -17.29 -8.37 4.87
N GLY A 154 -16.35 -8.05 3.98
CA GLY A 154 -15.72 -9.04 3.14
C GLY A 154 -14.25 -9.20 3.44
N PRO A 155 -13.55 -9.98 2.61
CA PRO A 155 -12.12 -10.21 2.83
C PRO A 155 -11.31 -8.98 2.46
N LEU A 156 -10.21 -8.78 3.20
CA LEU A 156 -9.33 -7.64 3.00
C LEU A 156 -7.96 -8.12 2.55
N ARG A 157 -7.21 -7.21 1.92
CA ARG A 157 -5.91 -7.50 1.33
C ARG A 157 -4.94 -6.38 1.67
N PRO A 158 -3.67 -6.72 1.91
CA PRO A 158 -2.64 -5.68 1.96
C PRO A 158 -2.50 -5.00 0.61
N PHE A 159 -2.34 -3.67 0.63
CA PHE A 159 -2.30 -2.88 -0.61
C PHE A 159 -1.02 -2.05 -0.65
N PHE A 160 -0.36 -2.02 -1.80
CA PHE A 160 0.93 -1.32 -1.94
C PHE A 160 1.02 -0.62 -3.28
N SER A 161 1.67 0.56 -3.28
CA SER A 161 2.18 1.18 -4.54
C SER A 161 3.54 1.80 -4.26
N PRO A 162 4.56 1.49 -5.05
CA PRO A 162 5.85 2.16 -4.92
C PRO A 162 5.92 3.52 -5.62
N GLY A 163 4.80 4.05 -6.07
CA GLY A 163 4.75 5.37 -6.62
C GLY A 163 4.53 5.31 -8.12
N PHE A 164 4.75 6.46 -8.76
CA PHE A 164 4.55 6.60 -10.19
C PHE A 164 5.90 6.76 -10.85
N ASN A 165 6.04 6.13 -12.02
CA ASN A 165 7.22 6.35 -12.85
C ASN A 165 7.45 7.84 -13.02
N ASP A 166 8.68 8.27 -12.74
CA ASP A 166 9.02 9.69 -12.72
C ASP A 166 10.37 9.94 -13.38
N GLY A 167 10.79 9.07 -14.30
CA GLY A 167 12.20 9.01 -14.63
C GLY A 167 12.92 8.59 -13.37
N GLY A 168 13.72 7.54 -13.44
CA GLY A 168 14.36 6.90 -12.29
C GLY A 168 14.51 7.63 -10.97
N LYS A 169 13.67 8.64 -10.71
CA LYS A 169 13.73 9.41 -9.48
C LYS A 169 13.01 8.74 -8.32
N ASN A 170 12.47 7.53 -8.53
CA ASN A 170 11.73 6.86 -7.47
C ASN A 170 11.85 5.35 -7.62
N THR A 171 13.05 4.86 -7.97
CA THR A 171 13.26 3.44 -8.18
C THR A 171 13.57 2.67 -6.91
N ALA A 172 13.72 3.34 -5.76
CA ALA A 172 13.95 2.60 -4.53
C ALA A 172 12.76 1.68 -4.25
N PRO A 173 12.98 0.48 -3.71
CA PRO A 173 11.88 -0.46 -3.52
C PRO A 173 11.08 -0.13 -2.27
N LEU A 174 9.85 -0.65 -2.26
CA LEU A 174 9.19 -0.95 -0.99
C LEU A 174 9.66 -2.33 -0.56
N THR A 175 10.02 -2.48 0.72
CA THR A 175 10.53 -3.75 1.23
C THR A 175 9.74 -4.15 2.46
N ALA A 176 9.11 -5.33 2.42
CA ALA A 176 8.45 -5.87 3.60
C ALA A 176 9.51 -6.31 4.59
N LEU A 177 9.36 -5.89 5.85
CA LEU A 177 10.38 -6.06 6.89
C LEU A 177 10.02 -7.29 7.70
N CYS A 178 11.00 -8.17 7.88
CA CYS A 178 10.74 -9.42 8.59
C CYS A 178 10.22 -9.15 9.98
#